data_2AO2
#
_entry.id   2AO2
#
_cell.length_a   124.452
_cell.length_b   83.840
_cell.length_c   62.671
_cell.angle_alpha   90.00
_cell.angle_beta   93.36
_cell.angle_gamma   90.00
#
_symmetry.space_group_name_H-M   'C 1 2 1'
#
loop_
_entity.id
_entity.type
_entity.pdbx_description
1 polymer 'Chorismate mutase'
2 non-polymer 'SULFATE ION'
3 non-polymer TRYPTOPHAN
4 water water
#
_entity_poly.entity_id   1
_entity_poly.type   'polypeptide(L)'
_entity_poly.pdbx_seq_one_letter_code
;GTSQLAELVDAAAERLEVADPVAAFKWRAQLPIEDSGRVEQQLAKLGEDARSQHIDPDYVTRVFDDQIRATEAIEYSRFS
DWKLNPASAPPEPPDLSASRSAIDSLNNRMLSQIWSHWSLLSAPSCAAQLDRAKRDIVRSRHLDSLYQRALTTATQSYCQ
ALPPA
;
_entity_poly.pdbx_strand_id   A,B,C
#
# COMPACT_ATOMS: atom_id res chain seq x y z
N GLY A 1 47.94 -12.00 -12.61
CA GLY A 1 47.05 -13.18 -12.85
C GLY A 1 46.00 -13.37 -11.76
N THR A 2 45.46 -12.26 -11.25
CA THR A 2 44.55 -12.33 -10.09
C THR A 2 43.43 -11.25 -10.03
N SER A 3 42.23 -11.76 -9.79
CA SER A 3 41.05 -10.97 -9.64
C SER A 3 41.11 -10.17 -8.33
N GLN A 4 40.76 -8.88 -8.46
CA GLN A 4 40.51 -8.03 -7.31
C GLN A 4 39.43 -8.57 -6.42
N LEU A 5 38.54 -9.43 -6.93
CA LEU A 5 37.53 -10.05 -6.06
C LEU A 5 37.96 -11.41 -5.50
N ALA A 6 39.22 -11.78 -5.64
CA ALA A 6 39.68 -13.10 -5.21
C ALA A 6 39.55 -13.26 -3.72
N GLU A 7 39.93 -12.22 -2.97
CA GLU A 7 39.91 -12.27 -1.50
C GLU A 7 38.51 -12.38 -0.92
N LEU A 8 37.58 -11.60 -1.47
CA LEU A 8 36.18 -11.73 -1.13
C LEU A 8 35.56 -13.12 -1.43
N VAL A 9 35.81 -13.64 -2.62
CA VAL A 9 35.22 -14.89 -3.00
C VAL A 9 35.95 -16.02 -2.19
N ASP A 10 37.24 -15.87 -1.86
CA ASP A 10 37.92 -16.90 -1.11
C ASP A 10 37.32 -17.01 0.29
N ALA A 11 37.03 -15.84 0.89
CA ALA A 11 36.37 -15.77 2.19
C ALA A 11 35.02 -16.38 2.17
N ALA A 12 34.25 -16.06 1.15
CA ALA A 12 32.96 -16.58 1.02
C ALA A 12 32.95 -18.11 0.86
N ALA A 13 33.88 -18.61 0.06
CA ALA A 13 34.08 -20.04 -0.10
C ALA A 13 34.51 -20.68 1.19
N GLU A 14 35.44 -20.04 1.92
CA GLU A 14 35.88 -20.58 3.20
C GLU A 14 34.71 -20.70 4.21
N ARG A 15 33.85 -19.70 4.19
CA ARG A 15 32.68 -19.67 5.03
C ARG A 15 31.64 -20.74 4.66
N LEU A 16 31.46 -21.01 3.37
CA LEU A 16 30.67 -22.16 2.91
C LEU A 16 31.19 -23.47 3.45
N GLU A 17 32.49 -23.62 3.50
CA GLU A 17 33.08 -24.88 3.93
C GLU A 17 32.86 -25.17 5.39
N VAL A 18 32.61 -24.13 6.16
CA VAL A 18 32.19 -24.28 7.53
C VAL A 18 30.85 -25.03 7.63
N ALA A 19 30.04 -25.04 6.57
CA ALA A 19 28.82 -25.85 6.50
C ALA A 19 29.01 -27.32 6.89
N ASP A 20 30.16 -27.87 6.55
CA ASP A 20 30.43 -29.29 6.84
C ASP A 20 30.55 -29.62 8.33
N PRO A 21 31.49 -28.98 9.03
CA PRO A 21 31.49 -29.16 10.48
C PRO A 21 30.20 -28.69 11.22
N VAL A 22 29.53 -27.65 10.73
CA VAL A 22 28.23 -27.26 11.28
C VAL A 22 27.19 -28.37 11.08
N ALA A 23 27.02 -28.85 9.87
CA ALA A 23 26.10 -29.94 9.62
C ALA A 23 26.44 -31.22 10.43
N ALA A 24 27.71 -31.55 10.57
CA ALA A 24 28.08 -32.70 11.37
C ALA A 24 27.76 -32.54 12.84
N PHE A 25 28.02 -31.34 13.36
CA PHE A 25 27.66 -31.04 14.75
C PHE A 25 26.11 -31.12 14.97
N LYS A 26 25.35 -30.46 14.12
CA LYS A 26 23.89 -30.43 14.24
C LYS A 26 23.28 -31.83 14.10
N TRP A 27 23.82 -32.66 13.21
CA TRP A 27 23.38 -34.06 13.09
C TRP A 27 23.51 -34.76 14.44
N ARG A 28 24.69 -34.64 15.06
CA ARG A 28 24.98 -35.32 16.30
C ARG A 28 24.21 -34.75 17.50
N ALA A 29 24.01 -33.43 17.51
CA ALA A 29 23.27 -32.78 18.57
C ALA A 29 21.74 -32.70 18.34
N GLN A 30 21.24 -33.27 17.24
CA GLN A 30 19.83 -33.12 16.87
C GLN A 30 19.37 -31.66 16.84
N LEU A 31 20.16 -30.80 16.22
CA LEU A 31 19.75 -29.43 15.96
C LEU A 31 19.20 -29.25 14.55
N PRO A 32 18.20 -28.37 14.38
CA PRO A 32 17.75 -28.06 13.00
C PRO A 32 18.76 -27.31 12.17
N ILE A 33 18.68 -27.52 10.87
CA ILE A 33 19.52 -26.79 9.93
C ILE A 33 19.08 -25.33 9.82
N GLU A 34 17.79 -25.12 9.65
CA GLU A 34 17.25 -23.79 9.49
C GLU A 34 16.54 -23.51 10.80
N ASP A 35 16.94 -22.43 11.47
CA ASP A 35 16.11 -21.80 12.50
C ASP A 35 15.88 -20.36 12.07
N SER A 36 14.67 -20.02 11.64
CA SER A 36 14.48 -18.75 10.91
C SER A 36 14.60 -17.55 11.86
N GLY A 37 14.27 -17.76 13.13
CA GLY A 37 14.52 -16.79 14.18
C GLY A 37 16.00 -16.45 14.24
N ARG A 38 16.87 -17.47 14.19
CA ARG A 38 18.32 -17.28 14.32
C ARG A 38 18.88 -16.55 13.14
N VAL A 39 18.41 -16.96 11.95
CA VAL A 39 18.84 -16.33 10.68
C VAL A 39 18.49 -14.85 10.62
N GLU A 40 17.26 -14.54 11.03
CA GLU A 40 16.79 -13.18 11.13
C GLU A 40 17.72 -12.30 12.03
N GLN A 41 18.09 -12.83 13.19
CA GLN A 41 19.04 -12.21 14.11
C GLN A 41 20.40 -12.01 13.47
N GLN A 42 20.91 -13.05 12.85
CA GLN A 42 22.18 -13.02 12.12
C GLN A 42 22.17 -11.93 11.06
N LEU A 43 21.11 -11.89 10.25
CA LEU A 43 20.99 -10.82 9.25
C LEU A 43 20.83 -9.46 9.85
N ALA A 44 20.07 -9.33 10.92
CA ALA A 44 19.91 -8.02 11.52
C ALA A 44 21.22 -7.46 12.11
N LYS A 45 22.00 -8.34 12.74
CA LYS A 45 23.33 -7.97 13.22
C LYS A 45 24.27 -7.59 12.09
N LEU A 46 24.25 -8.35 10.98
CA LEU A 46 25.05 -7.98 9.79
C LEU A 46 24.69 -6.61 9.21
N GLY A 47 23.39 -6.28 9.25
CA GLY A 47 22.90 -5.00 8.81
C GLY A 47 23.47 -3.88 9.66
N GLU A 48 23.48 -4.12 10.96
CA GLU A 48 24.05 -3.17 11.90
C GLU A 48 25.54 -3.03 11.71
N ASP A 49 26.24 -4.16 11.50
CA ASP A 49 27.67 -4.12 11.20
C ASP A 49 27.92 -3.31 9.93
N ALA A 50 27.13 -3.56 8.90
CA ALA A 50 27.24 -2.79 7.66
C ALA A 50 27.12 -1.27 7.86
N ARG A 51 26.12 -0.81 8.60
CA ARG A 51 25.98 0.62 8.84
C ARG A 51 27.17 1.22 9.57
N SER A 52 27.68 0.51 10.56
CA SER A 52 28.76 1.02 11.36
C SER A 52 30.07 1.05 10.52
N GLN A 53 30.15 0.20 9.50
CA GLN A 53 31.29 0.15 8.61
C GLN A 53 31.08 0.87 7.28
N HIS A 54 30.04 1.70 7.20
CA HIS A 54 29.66 2.49 6.03
C HIS A 54 29.44 1.68 4.78
N ILE A 55 28.78 0.56 4.94
CA ILE A 55 28.38 -0.21 3.82
C ILE A 55 26.86 -0.20 3.75
N ASP A 56 26.37 -0.16 2.51
CA ASP A 56 24.97 -0.30 2.26
C ASP A 56 24.43 -1.60 2.91
N PRO A 57 23.59 -1.42 3.95
CA PRO A 57 23.01 -2.55 4.72
C PRO A 57 22.04 -3.39 3.88
N ASP A 58 21.39 -2.77 2.93
CA ASP A 58 20.45 -3.51 2.10
C ASP A 58 21.16 -4.50 1.17
N TYR A 59 22.32 -4.08 0.70
CA TYR A 59 23.24 -4.94 -0.05
C TYR A 59 23.74 -6.07 0.80
N VAL A 60 24.28 -5.74 1.95
CA VAL A 60 24.78 -6.76 2.87
C VAL A 60 23.73 -7.80 3.21
N THR A 61 22.53 -7.34 3.42
CA THR A 61 21.42 -8.23 3.79
C THR A 61 21.14 -9.26 2.69
N ARG A 62 20.98 -8.78 1.47
CA ARG A 62 20.74 -9.66 0.37
C ARG A 62 21.93 -10.66 0.12
N VAL A 63 23.14 -10.12 0.15
CA VAL A 63 24.30 -10.91 -0.11
C VAL A 63 24.49 -12.01 0.94
N PHE A 64 24.36 -11.62 2.20
CA PHE A 64 24.46 -12.60 3.23
C PHE A 64 23.33 -13.56 3.29
N ASP A 65 22.14 -13.18 2.87
CA ASP A 65 21.06 -14.13 2.75
C ASP A 65 21.37 -15.22 1.68
N ASP A 66 21.94 -14.81 0.54
CA ASP A 66 22.45 -15.73 -0.49
C ASP A 66 23.48 -16.70 0.12
N GLN A 67 24.42 -16.17 0.85
CA GLN A 67 25.43 -16.95 1.51
C GLN A 67 24.85 -17.95 2.52
N ILE A 68 23.95 -17.51 3.39
CA ILE A 68 23.23 -18.40 4.33
C ILE A 68 22.38 -19.46 3.61
N ARG A 69 21.63 -19.08 2.57
CA ARG A 69 20.92 -20.06 1.77
C ARG A 69 21.82 -21.16 1.21
N ALA A 70 22.91 -20.73 0.57
CA ALA A 70 23.96 -21.61 0.05
C ALA A 70 24.46 -22.59 1.14
N THR A 71 24.68 -22.05 2.35
CA THR A 71 25.16 -22.81 3.46
C THR A 71 24.15 -23.92 3.87
N GLU A 72 22.90 -23.54 3.99
CA GLU A 72 21.82 -24.48 4.28
C GLU A 72 21.72 -25.58 3.25
N ALA A 73 21.85 -25.21 1.96
CA ALA A 73 21.81 -26.15 0.85
C ALA A 73 22.85 -27.26 1.04
N ILE A 74 24.07 -26.88 1.45
CA ILE A 74 25.11 -27.84 1.73
C ILE A 74 24.73 -28.71 2.92
N GLU A 75 24.21 -28.08 3.97
CA GLU A 75 23.83 -28.83 5.14
C GLU A 75 22.72 -29.85 4.85
N TYR A 76 21.76 -29.45 4.07
CA TYR A 76 20.72 -30.36 3.61
C TYR A 76 21.20 -31.55 2.81
N SER A 77 22.16 -31.30 1.92
CA SER A 77 22.77 -32.34 1.11
C SER A 77 23.50 -33.34 2.03
N ARG A 78 24.18 -32.83 3.08
CA ARG A 78 24.85 -33.73 4.01
C ARG A 78 23.86 -34.59 4.79
N PHE A 79 22.76 -33.98 5.22
CA PHE A 79 21.71 -34.69 5.91
C PHE A 79 21.07 -35.81 5.05
N SER A 80 20.89 -35.52 3.76
CA SER A 80 20.47 -36.50 2.78
C SER A 80 21.45 -37.68 2.73
N ASP A 81 22.74 -37.37 2.63
CA ASP A 81 23.78 -38.40 2.61
C ASP A 81 23.77 -39.29 3.87
N TRP A 82 23.64 -38.65 5.03
CA TRP A 82 23.72 -39.35 6.29
C TRP A 82 22.46 -40.10 6.63
N LYS A 83 21.33 -39.70 6.07
CA LYS A 83 20.14 -40.51 6.14
C LYS A 83 20.34 -41.82 5.39
N LEU A 84 20.94 -41.75 4.20
CA LEU A 84 21.19 -42.95 3.42
C LEU A 84 22.28 -43.78 4.07
N ASN A 85 23.27 -43.11 4.65
CA ASN A 85 24.44 -43.77 5.16
C ASN A 85 24.92 -43.14 6.45
N PRO A 86 24.21 -43.44 7.53
CA PRO A 86 24.51 -42.91 8.82
C PRO A 86 25.95 -43.20 9.36
N ALA A 87 26.57 -44.32 8.98
CA ALA A 87 27.94 -44.56 9.34
C ALA A 87 28.95 -43.51 8.81
N SER A 88 28.64 -42.77 7.76
CA SER A 88 29.54 -41.77 7.25
C SER A 88 29.43 -40.37 7.96
N ALA A 89 28.44 -40.17 8.83
CA ALA A 89 28.35 -38.91 9.59
C ALA A 89 29.60 -38.76 10.47
N PRO A 90 30.34 -37.63 10.34
CA PRO A 90 31.57 -37.50 11.17
C PRO A 90 31.28 -37.64 12.66
N PRO A 91 31.95 -38.54 13.37
CA PRO A 91 31.51 -38.76 14.76
C PRO A 91 32.01 -37.75 15.80
N GLU A 92 32.97 -36.91 15.45
CA GLU A 92 33.58 -36.00 16.41
C GLU A 92 33.82 -34.66 15.73
N PRO A 93 32.73 -34.00 15.30
CA PRO A 93 32.92 -32.69 14.68
C PRO A 93 33.50 -31.62 15.64
N PRO A 94 34.09 -30.54 15.07
CA PRO A 94 34.46 -29.45 15.96
C PRO A 94 33.24 -28.77 16.60
N ASP A 95 33.51 -28.08 17.69
CA ASP A 95 32.50 -27.36 18.45
C ASP A 95 31.78 -26.37 17.59
N LEU A 96 30.46 -26.35 17.75
CA LEU A 96 29.61 -25.43 17.06
C LEU A 96 30.06 -23.99 17.37
N SER A 97 30.39 -23.72 18.63
CA SER A 97 30.90 -22.41 19.01
C SER A 97 32.22 -22.01 18.32
N ALA A 98 33.08 -22.99 18.00
CA ALA A 98 34.28 -22.74 17.19
C ALA A 98 33.89 -22.46 15.73
N SER A 99 32.92 -23.19 15.21
CA SER A 99 32.48 -22.90 13.88
C SER A 99 31.89 -21.50 13.83
N ARG A 100 31.12 -21.12 14.84
CA ARG A 100 30.51 -19.78 14.81
C ARG A 100 31.55 -18.70 14.87
N SER A 101 32.54 -18.87 15.72
CA SER A 101 33.70 -17.96 15.75
C SER A 101 34.44 -17.81 14.40
N ALA A 102 34.67 -18.92 13.70
CA ALA A 102 35.23 -18.88 12.35
C ALA A 102 34.33 -18.06 11.40
N ILE A 103 33.03 -18.32 11.48
CA ILE A 103 32.06 -17.58 10.72
C ILE A 103 32.12 -16.08 10.98
N ASP A 104 32.17 -15.70 12.24
CA ASP A 104 32.13 -14.29 12.56
C ASP A 104 33.39 -13.61 12.06
N SER A 105 34.56 -14.26 12.14
CA SER A 105 35.78 -13.65 11.57
C SER A 105 35.67 -13.53 10.00
N LEU A 106 35.05 -14.50 9.35
CA LEU A 106 34.85 -14.49 7.89
C LEU A 106 33.84 -13.45 7.42
N ASN A 107 32.77 -13.29 8.17
CA ASN A 107 31.84 -12.18 7.98
C ASN A 107 32.57 -10.84 7.90
N ASN A 108 33.39 -10.57 8.90
CA ASN A 108 34.21 -9.36 8.92
C ASN A 108 35.18 -9.21 7.75
N ARG A 109 35.85 -10.31 7.38
CA ARG A 109 36.67 -10.31 6.18
C ARG A 109 35.88 -9.92 4.94
N MET A 110 34.72 -10.53 4.78
CA MET A 110 33.83 -10.25 3.63
C MET A 110 33.33 -8.80 3.65
N LEU A 111 32.94 -8.30 4.82
CA LEU A 111 32.46 -6.93 4.88
C LEU A 111 33.55 -5.96 4.55
N SER A 112 34.75 -6.23 5.03
CA SER A 112 35.88 -5.32 4.80
C SER A 112 36.23 -5.24 3.29
N GLN A 113 36.13 -6.39 2.59
CA GLN A 113 36.36 -6.45 1.14
C GLN A 113 35.22 -5.83 0.36
N ILE A 114 33.97 -6.02 0.79
CA ILE A 114 32.86 -5.36 0.12
C ILE A 114 33.05 -3.80 0.15
N TRP A 115 33.46 -3.27 1.28
CA TRP A 115 33.69 -1.85 1.38
C TRP A 115 34.85 -1.42 0.48
N SER A 116 36.00 -2.09 0.62
CA SER A 116 37.17 -1.76 -0.16
C SER A 116 36.94 -1.80 -1.68
N HIS A 117 36.20 -2.81 -2.14
CA HIS A 117 36.03 -3.01 -3.57
C HIS A 117 34.70 -2.59 -4.11
N TRP A 118 34.09 -1.61 -3.45
CA TRP A 118 32.74 -1.18 -3.78
C TRP A 118 32.65 -0.64 -5.21
N SER A 119 33.70 0.04 -5.67
CA SER A 119 33.73 0.60 -7.03
C SER A 119 33.74 -0.49 -8.08
N LEU A 120 34.51 -1.54 -7.81
CA LEU A 120 34.49 -2.73 -8.65
C LEU A 120 33.13 -3.44 -8.60
N LEU A 121 32.67 -3.84 -7.40
CA LEU A 121 31.38 -4.50 -7.28
C LEU A 121 30.25 -3.78 -8.03
N SER A 122 30.31 -2.45 -8.03
CA SER A 122 29.27 -1.63 -8.63
C SER A 122 29.56 -1.24 -10.09
N ALA A 123 30.71 -1.65 -10.64
CA ALA A 123 31.10 -1.32 -11.98
C ALA A 123 30.71 -2.42 -12.98
N PRO A 124 30.67 -2.08 -14.27
CA PRO A 124 30.25 -3.07 -15.30
C PRO A 124 31.20 -4.26 -15.46
N SER A 125 32.48 -4.08 -15.04
CA SER A 125 33.50 -5.15 -15.12
C SER A 125 33.44 -6.19 -13.98
N CYS A 126 32.53 -5.98 -13.03
CA CYS A 126 32.34 -6.89 -11.90
C CYS A 126 32.02 -8.33 -12.35
N ALA A 127 31.10 -8.50 -13.28
CA ALA A 127 30.65 -9.85 -13.63
C ALA A 127 31.84 -10.74 -14.07
N ALA A 128 32.66 -10.18 -14.97
CA ALA A 128 33.93 -10.76 -15.41
C ALA A 128 34.95 -11.05 -14.31
N GLN A 129 35.17 -10.08 -13.42
CA GLN A 129 36.12 -10.24 -12.32
C GLN A 129 35.65 -11.27 -11.29
N LEU A 130 34.33 -11.38 -11.13
CA LEU A 130 33.74 -12.38 -10.29
C LEU A 130 33.84 -13.76 -10.92
N ASP A 131 33.51 -13.91 -12.19
CA ASP A 131 33.71 -15.19 -12.86
C ASP A 131 35.17 -15.64 -12.70
N ARG A 132 36.11 -14.75 -12.98
CA ARG A 132 37.53 -15.08 -12.81
C ARG A 132 37.90 -15.52 -11.42
N ALA A 133 37.41 -14.79 -10.42
CA ALA A 133 37.64 -15.13 -9.01
C ALA A 133 37.06 -16.48 -8.66
N LYS A 134 35.81 -16.71 -9.07
CA LYS A 134 35.17 -17.99 -8.78
C LYS A 134 35.96 -19.19 -9.31
N ARG A 135 36.35 -19.10 -10.59
CA ARG A 135 37.11 -20.15 -11.21
C ARG A 135 38.44 -20.38 -10.48
N ASP A 136 39.08 -19.29 -10.08
CA ASP A 136 40.36 -19.39 -9.42
C ASP A 136 40.19 -20.09 -8.05
N ILE A 137 39.11 -19.77 -7.35
CA ILE A 137 38.91 -20.28 -6.00
C ILE A 137 38.44 -21.75 -6.01
N VAL A 138 37.60 -22.09 -6.98
CA VAL A 138 37.15 -23.46 -7.17
C VAL A 138 38.36 -24.34 -7.32
N ARG A 139 39.34 -23.85 -8.08
CA ARG A 139 40.58 -24.57 -8.35
C ARG A 139 41.48 -24.59 -7.11
N SER A 140 41.74 -23.43 -6.52
CA SER A 140 42.63 -23.34 -5.37
C SER A 140 42.06 -24.09 -4.15
N ARG A 141 40.75 -24.03 -3.95
CA ARG A 141 40.15 -24.82 -2.86
C ARG A 141 39.63 -26.21 -3.24
N HIS A 142 39.82 -26.63 -4.49
CA HIS A 142 39.37 -27.92 -4.95
C HIS A 142 37.93 -28.17 -4.67
N LEU A 143 37.06 -27.21 -5.00
CA LEU A 143 35.65 -27.32 -4.68
C LEU A 143 34.92 -28.30 -5.61
N ASP A 144 34.17 -29.22 -4.99
CA ASP A 144 33.44 -30.23 -5.75
C ASP A 144 32.18 -29.62 -6.39
N SER A 145 31.42 -30.45 -7.09
CA SER A 145 30.24 -29.96 -7.79
C SER A 145 29.21 -29.24 -6.88
N LEU A 146 28.96 -29.78 -5.67
CA LEU A 146 28.05 -29.18 -4.73
C LEU A 146 28.50 -27.77 -4.26
N TYR A 147 29.74 -27.70 -3.80
CA TYR A 147 30.33 -26.44 -3.38
C TYR A 147 30.40 -25.40 -4.52
N GLN A 148 30.61 -25.88 -5.74
CA GLN A 148 30.53 -25.02 -6.93
C GLN A 148 29.15 -24.37 -7.11
N ARG A 149 28.08 -25.16 -6.93
CA ARG A 149 26.73 -24.66 -7.06
C ARG A 149 26.42 -23.69 -5.97
N ALA A 150 26.84 -24.06 -4.77
CA ALA A 150 26.73 -23.17 -3.62
C ALA A 150 27.46 -21.85 -3.74
N LEU A 151 28.69 -21.89 -4.21
CA LEU A 151 29.45 -20.66 -4.40
C LEU A 151 28.77 -19.74 -5.43
N THR A 152 28.19 -20.32 -6.46
CA THR A 152 27.38 -19.56 -7.45
C THR A 152 26.16 -18.89 -6.76
N THR A 153 25.44 -19.63 -5.92
CA THR A 153 24.30 -19.07 -5.21
C THR A 153 24.76 -17.92 -4.27
N ALA A 154 25.87 -18.13 -3.57
CA ALA A 154 26.32 -17.22 -2.55
C ALA A 154 26.79 -15.89 -3.13
N THR A 155 27.30 -15.92 -4.36
CA THR A 155 27.86 -14.74 -5.06
C THR A 155 26.91 -14.13 -6.12
N GLN A 156 25.68 -14.65 -6.24
CA GLN A 156 24.80 -14.22 -7.34
C GLN A 156 24.32 -12.76 -7.32
N SER A 157 24.48 -12.08 -6.19
CA SER A 157 24.03 -10.71 -6.07
C SER A 157 25.19 -9.70 -5.97
N TYR A 158 26.43 -10.20 -5.94
CA TYR A 158 27.60 -9.33 -5.85
C TYR A 158 27.60 -8.18 -6.86
N CYS A 159 27.33 -8.48 -8.12
CA CYS A 159 27.45 -7.48 -9.16
C CYS A 159 26.25 -6.53 -9.35
N GLN A 160 25.31 -6.60 -8.43
CA GLN A 160 24.21 -5.68 -8.38
C GLN A 160 24.43 -4.56 -7.38
N ALA A 161 25.66 -4.41 -6.89
CA ALA A 161 26.00 -3.25 -6.11
C ALA A 161 25.81 -2.02 -6.96
N LEU A 162 25.30 -0.95 -6.35
CA LEU A 162 25.00 0.27 -7.08
C LEU A 162 26.00 1.35 -6.65
N PRO A 163 26.44 2.18 -7.59
CA PRO A 163 27.26 3.33 -7.25
C PRO A 163 26.55 4.29 -6.29
N PRO A 164 27.29 4.92 -5.36
CA PRO A 164 26.62 5.91 -4.51
C PRO A 164 26.25 7.15 -5.27
N ALA A 165 25.07 7.68 -4.96
CA ALA A 165 24.78 9.13 -5.02
C ALA A 165 24.64 9.65 -6.45
N GLY B 1 12.37 -7.44 17.08
CA GLY B 1 11.22 -6.91 16.26
C GLY B 1 11.54 -6.77 14.77
N THR B 2 12.21 -7.77 14.24
CA THR B 2 12.49 -7.88 12.80
C THR B 2 11.43 -8.80 12.18
N SER B 3 10.44 -8.32 11.44
CA SER B 3 9.87 -9.21 10.40
C SER B 3 10.87 -9.42 9.22
N GLN B 4 11.66 -8.40 8.92
CA GLN B 4 12.51 -8.35 7.67
C GLN B 4 11.76 -7.52 6.67
N LEU B 5 10.43 -7.66 6.64
CA LEU B 5 9.61 -6.83 5.78
C LEU B 5 9.12 -5.61 6.48
N ALA B 6 9.51 -5.43 7.76
CA ALA B 6 9.08 -4.27 8.55
C ALA B 6 9.47 -2.89 7.93
N GLU B 7 10.71 -2.74 7.43
CA GLU B 7 11.11 -1.48 6.78
C GLU B 7 10.37 -1.21 5.49
N LEU B 8 10.15 -2.23 4.67
CA LEU B 8 9.34 -2.04 3.49
C LEU B 8 7.92 -1.53 3.82
N VAL B 9 7.24 -2.23 4.73
CA VAL B 9 5.86 -1.95 5.06
C VAL B 9 5.78 -0.60 5.77
N ASP B 10 6.79 -0.28 6.55
CA ASP B 10 6.79 1.01 7.23
C ASP B 10 6.92 2.16 6.20
N ALA B 11 7.77 1.99 5.21
CA ALA B 11 7.90 2.93 4.10
C ALA B 11 6.59 3.05 3.33
N ALA B 12 5.91 1.91 3.15
CA ALA B 12 4.62 1.88 2.48
C ALA B 12 3.54 2.66 3.27
N ALA B 13 3.49 2.43 4.57
CA ALA B 13 2.61 3.16 5.46
C ALA B 13 2.94 4.65 5.49
N GLU B 14 4.21 4.98 5.57
CA GLU B 14 4.62 6.37 5.52
C GLU B 14 4.20 7.05 4.20
N ARG B 15 4.28 6.31 3.11
CA ARG B 15 3.87 6.84 1.84
C ARG B 15 2.36 7.09 1.76
N LEU B 16 1.57 6.20 2.40
CA LEU B 16 0.11 6.32 2.46
C LEU B 16 -0.32 7.62 3.13
N GLU B 17 0.43 8.03 4.15
CA GLU B 17 0.12 9.26 4.87
C GLU B 17 0.30 10.52 4.05
N VAL B 18 1.02 10.47 2.96
CA VAL B 18 1.02 11.63 2.05
C VAL B 18 -0.37 11.88 1.42
N ALA B 19 -1.28 10.91 1.57
CA ALA B 19 -2.64 11.02 1.06
C ALA B 19 -3.34 12.22 1.63
N ASP B 20 -3.04 12.51 2.88
CA ASP B 20 -3.68 13.59 3.60
C ASP B 20 -3.33 14.98 3.05
N PRO B 21 -2.06 15.36 3.02
CA PRO B 21 -1.76 16.63 2.39
C PRO B 21 -2.12 16.70 0.90
N VAL B 22 -2.04 15.57 0.17
CA VAL B 22 -2.45 15.59 -1.24
C VAL B 22 -3.94 15.86 -1.37
N ALA B 23 -4.73 15.15 -0.59
CA ALA B 23 -6.16 15.35 -0.62
C ALA B 23 -6.49 16.79 -0.27
N ALA B 24 -5.82 17.35 0.74
CA ALA B 24 -6.04 18.75 1.12
C ALA B 24 -5.74 19.71 -0.05
N PHE B 25 -4.61 19.48 -0.71
CA PHE B 25 -4.24 20.28 -1.86
C PHE B 25 -5.32 20.20 -2.97
N LYS B 26 -5.69 18.97 -3.33
CA LYS B 26 -6.70 18.75 -4.36
C LYS B 26 -8.05 19.39 -4.01
N TRP B 27 -8.46 19.25 -2.75
CA TRP B 27 -9.70 19.87 -2.27
C TRP B 27 -9.64 21.38 -2.46
N ARG B 28 -8.55 21.98 -2.07
CA ARG B 28 -8.42 23.41 -2.20
C ARG B 28 -8.30 23.89 -3.66
N ALA B 29 -7.73 23.06 -4.52
CA ALA B 29 -7.51 23.43 -5.91
C ALA B 29 -8.61 22.89 -6.82
N GLN B 30 -9.56 22.14 -6.25
CA GLN B 30 -10.68 21.57 -7.00
C GLN B 30 -10.09 20.70 -8.12
N LEU B 31 -9.16 19.87 -7.71
CA LEU B 31 -8.50 18.94 -8.60
C LEU B 31 -9.12 17.55 -8.41
N PRO B 32 -9.20 16.77 -9.52
CA PRO B 32 -9.56 15.37 -9.44
C PRO B 32 -8.66 14.53 -8.58
N ILE B 33 -9.22 13.61 -7.83
CA ILE B 33 -8.40 12.60 -7.14
C ILE B 33 -7.59 11.70 -8.07
N GLU B 34 -8.16 11.28 -9.18
CA GLU B 34 -7.45 10.43 -10.15
C GLU B 34 -7.12 11.18 -11.41
N ASP B 35 -5.85 11.20 -11.82
CA ASP B 35 -5.42 11.72 -13.13
C ASP B 35 -4.68 10.58 -13.84
N SER B 36 -5.29 10.04 -14.89
CA SER B 36 -4.79 8.81 -15.51
C SER B 36 -3.42 9.03 -16.13
N GLY B 37 -3.23 10.19 -16.78
CA GLY B 37 -1.93 10.62 -17.29
C GLY B 37 -0.82 10.60 -16.25
N ARG B 38 -1.09 11.18 -15.08
CA ARG B 38 -0.12 11.26 -14.01
C ARG B 38 0.23 9.87 -13.54
N VAL B 39 -0.79 9.02 -13.32
CA VAL B 39 -0.57 7.68 -12.84
C VAL B 39 0.26 6.87 -13.80
N GLU B 40 -0.08 6.91 -15.10
CA GLU B 40 0.70 6.19 -16.12
C GLU B 40 2.18 6.63 -16.12
N GLN B 41 2.37 7.94 -16.00
CA GLN B 41 3.70 8.58 -15.99
C GLN B 41 4.50 8.10 -14.80
N GLN B 42 3.85 8.15 -13.64
CA GLN B 42 4.46 7.78 -12.38
C GLN B 42 4.87 6.29 -12.36
N LEU B 43 3.99 5.43 -12.86
CA LEU B 43 4.29 4.00 -12.93
C LEU B 43 5.34 3.72 -13.97
N ALA B 44 5.34 4.47 -15.08
CA ALA B 44 6.39 4.29 -16.09
C ALA B 44 7.79 4.59 -15.53
N LYS B 45 7.89 5.69 -14.78
CA LYS B 45 9.13 6.10 -14.19
C LYS B 45 9.54 5.02 -13.17
N LEU B 46 8.58 4.49 -12.42
CA LEU B 46 8.89 3.41 -11.47
C LEU B 46 9.43 2.16 -12.16
N GLY B 47 8.82 1.77 -13.27
CA GLY B 47 9.34 0.67 -14.09
C GLY B 47 10.80 0.86 -14.54
N GLU B 48 11.16 2.05 -15.01
CA GLU B 48 12.54 2.29 -15.37
C GLU B 48 13.48 2.31 -14.14
N ASP B 49 13.05 2.90 -13.03
CA ASP B 49 13.81 2.77 -11.76
C ASP B 49 14.00 1.33 -11.32
N ALA B 50 12.91 0.55 -11.32
CA ALA B 50 13.02 -0.86 -11.05
C ALA B 50 14.11 -1.53 -11.92
N ARG B 51 14.05 -1.26 -13.22
CA ARG B 51 15.00 -1.79 -14.20
C ARG B 51 16.47 -1.44 -13.89
N SER B 52 16.73 -0.19 -13.54
CA SER B 52 18.10 0.21 -13.19
C SER B 52 18.51 -0.24 -11.77
N GLN B 53 17.54 -0.65 -10.97
CA GLN B 53 17.84 -1.20 -9.66
C GLN B 53 17.75 -2.73 -9.64
N HIS B 54 17.77 -3.38 -10.80
CA HIS B 54 17.73 -4.85 -10.97
C HIS B 54 16.53 -5.54 -10.28
N ILE B 55 15.35 -4.98 -10.45
CA ILE B 55 14.09 -5.54 -9.95
C ILE B 55 13.16 -5.72 -11.14
N ASP B 56 12.41 -6.81 -11.10
CA ASP B 56 11.36 -7.09 -12.11
C ASP B 56 10.38 -5.88 -12.27
N PRO B 57 10.37 -5.22 -13.46
CA PRO B 57 9.53 -4.04 -13.53
C PRO B 57 8.03 -4.32 -13.46
N ASP B 58 7.58 -5.48 -13.92
CA ASP B 58 6.12 -5.76 -13.92
C ASP B 58 5.66 -6.00 -12.52
N TYR B 59 6.53 -6.58 -11.69
CA TYR B 59 6.24 -6.70 -10.26
C TYR B 59 6.12 -5.32 -9.57
N VAL B 60 7.13 -4.47 -9.78
CA VAL B 60 7.09 -3.10 -9.28
C VAL B 60 5.84 -2.33 -9.73
N THR B 61 5.48 -2.45 -11.00
CA THR B 61 4.29 -1.77 -11.51
C THR B 61 3.02 -2.23 -10.78
N ARG B 62 2.85 -3.54 -10.59
CA ARG B 62 1.73 -4.10 -9.81
C ARG B 62 1.68 -3.60 -8.40
N VAL B 63 2.82 -3.62 -7.74
CA VAL B 63 2.94 -3.21 -6.35
C VAL B 63 2.61 -1.73 -6.17
N PHE B 64 3.16 -0.89 -7.02
CA PHE B 64 2.90 0.54 -6.91
C PHE B 64 1.50 0.93 -7.40
N ASP B 65 0.91 0.17 -8.28
CA ASP B 65 -0.49 0.34 -8.61
C ASP B 65 -1.37 0.05 -7.38
N ASP B 66 -1.05 -1.01 -6.60
CA ASP B 66 -1.75 -1.25 -5.32
C ASP B 66 -1.57 -0.07 -4.32
N GLN B 67 -0.33 0.39 -4.18
CA GLN B 67 0.00 1.54 -3.35
C GLN B 67 -0.77 2.78 -3.78
N ILE B 68 -0.85 3.05 -5.08
CA ILE B 68 -1.55 4.24 -5.55
C ILE B 68 -3.06 4.11 -5.32
N ARG B 69 -3.58 2.94 -5.53
CA ARG B 69 -4.98 2.66 -5.34
C ARG B 69 -5.38 2.88 -3.89
N ALA B 70 -4.58 2.37 -2.97
CA ALA B 70 -4.74 2.58 -1.55
C ALA B 70 -4.73 4.07 -1.16
N THR B 71 -3.79 4.83 -1.71
CA THR B 71 -3.61 6.21 -1.46
C THR B 71 -4.88 6.99 -1.88
N GLU B 72 -5.38 6.73 -3.11
CA GLU B 72 -6.61 7.25 -3.62
C GLU B 72 -7.80 6.91 -2.73
N ALA B 73 -7.85 5.68 -2.22
CA ALA B 73 -8.88 5.30 -1.27
C ALA B 73 -8.94 6.24 -0.06
N ILE B 74 -7.80 6.63 0.49
CA ILE B 74 -7.75 7.57 1.59
C ILE B 74 -8.24 8.96 1.17
N GLU B 75 -7.77 9.45 0.04
CA GLU B 75 -8.20 10.71 -0.53
C GLU B 75 -9.69 10.76 -0.77
N TYR B 76 -10.25 9.70 -1.30
CA TYR B 76 -11.69 9.59 -1.46
C TYR B 76 -12.44 9.67 -0.13
N SER B 77 -11.93 8.97 0.90
CA SER B 77 -12.55 9.01 2.21
C SER B 77 -12.53 10.42 2.78
N ARG B 78 -11.42 11.14 2.65
CA ARG B 78 -11.35 12.54 3.09
C ARG B 78 -12.34 13.40 2.34
N PHE B 79 -12.39 13.28 1.02
CA PHE B 79 -13.38 14.05 0.25
C PHE B 79 -14.82 13.79 0.70
N SER B 80 -15.16 12.55 1.00
CA SER B 80 -16.46 12.19 1.61
C SER B 80 -16.69 12.98 2.90
N ASP B 81 -15.74 12.93 3.85
CA ASP B 81 -15.87 13.64 5.08
C ASP B 81 -16.06 15.15 4.85
N TRP B 82 -15.24 15.74 3.98
CA TRP B 82 -15.26 17.20 3.77
C TRP B 82 -16.50 17.66 2.99
N LYS B 83 -17.06 16.77 2.18
CA LYS B 83 -18.29 17.08 1.50
C LYS B 83 -19.42 17.12 2.55
N LEU B 84 -19.38 16.19 3.52
CA LEU B 84 -20.40 16.18 4.59
C LEU B 84 -20.24 17.37 5.51
N ASN B 85 -18.98 17.68 5.85
CA ASN B 85 -18.62 18.66 6.82
C ASN B 85 -17.46 19.56 6.32
N PRO B 86 -17.77 20.51 5.42
CA PRO B 86 -16.76 21.39 4.83
C PRO B 86 -15.88 22.15 5.81
N ALA B 87 -16.40 22.46 6.99
CA ALA B 87 -15.65 23.17 8.04
C ALA B 87 -14.53 22.33 8.66
N SER B 88 -14.48 21.02 8.38
CA SER B 88 -13.39 20.19 8.84
C SER B 88 -12.27 20.04 7.79
N ALA B 89 -12.45 20.65 6.61
CA ALA B 89 -11.39 20.57 5.60
C ALA B 89 -10.17 21.36 6.11
N PRO B 90 -8.94 20.82 5.92
CA PRO B 90 -7.77 21.52 6.44
C PRO B 90 -7.44 22.76 5.62
N PRO B 91 -6.62 23.68 6.17
CA PRO B 91 -6.28 24.87 5.42
C PRO B 91 -4.99 24.61 4.61
N GLU B 92 -4.38 25.70 4.14
CA GLU B 92 -3.00 25.72 3.61
C GLU B 92 -2.25 24.41 3.77
N PRO B 93 -2.32 23.53 2.76
CA PRO B 93 -1.73 22.21 2.98
C PRO B 93 -0.22 22.28 3.13
N PRO B 94 0.34 21.26 3.80
CA PRO B 94 1.79 21.12 3.83
C PRO B 94 2.41 21.46 2.47
N ASP B 95 3.42 22.34 2.46
CA ASP B 95 4.25 22.59 1.28
C ASP B 95 4.18 21.36 0.35
N LEU B 96 3.52 21.53 -0.81
CA LEU B 96 3.33 20.42 -1.78
C LEU B 96 4.68 19.91 -2.32
N SER B 97 5.65 20.82 -2.37
CA SER B 97 7.05 20.53 -2.71
C SER B 97 7.66 19.52 -1.73
N ALA B 98 7.32 19.65 -0.45
CA ALA B 98 7.72 18.68 0.56
C ALA B 98 7.13 17.29 0.31
N SER B 99 5.94 17.23 -0.28
CA SER B 99 5.24 15.98 -0.55
C SER B 99 5.83 15.22 -1.73
N ARG B 100 6.34 15.94 -2.72
CA ARG B 100 7.00 15.33 -3.88
C ARG B 100 8.37 14.78 -3.47
N SER B 101 9.11 15.62 -2.74
CA SER B 101 10.36 15.23 -2.10
C SER B 101 10.24 13.93 -1.30
N ALA B 102 9.18 13.85 -0.51
CA ALA B 102 8.93 12.72 0.38
C ALA B 102 8.54 11.48 -0.40
N ILE B 103 7.70 11.67 -1.41
CA ILE B 103 7.28 10.55 -2.26
C ILE B 103 8.46 9.97 -3.07
N ASP B 104 9.30 10.83 -3.64
CA ASP B 104 10.49 10.39 -4.38
C ASP B 104 11.38 9.51 -3.48
N SER B 105 11.58 9.99 -2.26
CA SER B 105 12.44 9.34 -1.28
C SER B 105 11.84 8.00 -0.80
N LEU B 106 10.52 7.95 -0.59
CA LEU B 106 9.86 6.75 -0.16
C LEU B 106 9.79 5.75 -1.30
N ASN B 107 9.57 6.20 -2.53
CA ASN B 107 9.67 5.30 -3.68
C ASN B 107 11.01 4.55 -3.66
N ASN B 108 12.09 5.30 -3.47
CA ASN B 108 13.46 4.76 -3.52
C ASN B 108 13.75 3.82 -2.39
N ARG B 109 13.29 4.21 -1.22
CA ARG B 109 13.36 3.35 -0.07
C ARG B 109 12.61 2.03 -0.31
N MET B 110 11.44 2.08 -0.93
CA MET B 110 10.67 0.87 -1.14
C MET B 110 11.33 -0.08 -2.13
N LEU B 111 11.85 0.47 -3.24
CA LEU B 111 12.58 -0.28 -4.27
C LEU B 111 13.82 -0.96 -3.70
N SER B 112 14.54 -0.20 -2.93
CA SER B 112 15.68 -0.72 -2.21
C SER B 112 15.34 -1.95 -1.38
N GLN B 113 14.21 -1.89 -0.67
CA GLN B 113 13.78 -2.98 0.20
C GLN B 113 13.22 -4.15 -0.58
N ILE B 114 12.54 -3.88 -1.69
CA ILE B 114 12.11 -4.91 -2.64
C ILE B 114 13.34 -5.70 -3.17
N TRP B 115 14.37 -4.98 -3.62
CA TRP B 115 15.58 -5.61 -4.11
C TRP B 115 16.19 -6.43 -2.96
N SER B 116 16.36 -5.83 -1.80
CA SER B 116 17.07 -6.43 -0.71
C SER B 116 16.39 -7.70 -0.23
N HIS B 117 15.06 -7.68 -0.19
CA HIS B 117 14.30 -8.78 0.39
C HIS B 117 13.63 -9.64 -0.66
N TRP B 118 14.15 -9.60 -1.89
CA TRP B 118 13.56 -10.34 -2.99
C TRP B 118 13.42 -11.81 -2.68
N SER B 119 14.36 -12.38 -1.94
CA SER B 119 14.36 -13.80 -1.83
C SER B 119 13.26 -14.25 -0.83
N LEU B 120 13.01 -13.44 0.18
CA LEU B 120 11.86 -13.62 1.06
C LEU B 120 10.51 -13.31 0.41
N LEU B 121 10.45 -12.20 -0.31
CA LEU B 121 9.22 -11.81 -1.04
C LEU B 121 8.79 -12.98 -1.95
N SER B 122 9.75 -13.68 -2.49
CA SER B 122 9.45 -14.75 -3.45
C SER B 122 9.45 -16.12 -2.83
N ALA B 123 9.55 -16.18 -1.51
CA ALA B 123 9.63 -17.40 -0.78
C ALA B 123 8.30 -17.79 -0.19
N PRO B 124 8.16 -19.09 0.14
CA PRO B 124 6.97 -19.59 0.82
C PRO B 124 6.60 -18.84 2.12
N SER B 125 7.60 -18.31 2.81
CA SER B 125 7.42 -17.65 4.10
C SER B 125 6.94 -16.18 3.97
N CYS B 126 6.80 -15.68 2.76
CA CYS B 126 6.46 -14.26 2.58
C CYS B 126 5.15 -13.86 3.26
N ALA B 127 4.10 -14.68 3.13
CA ALA B 127 2.81 -14.26 3.63
C ALA B 127 2.82 -14.13 5.15
N ALA B 128 3.49 -15.06 5.82
CA ALA B 128 3.64 -15.04 7.29
C ALA B 128 4.45 -13.81 7.78
N GLN B 129 5.52 -13.49 7.09
CA GLN B 129 6.40 -12.39 7.46
C GLN B 129 5.76 -11.04 7.15
N LEU B 130 4.99 -11.02 6.08
CA LEU B 130 4.21 -9.85 5.74
C LEU B 130 3.12 -9.58 6.77
N ASP B 131 2.39 -10.62 7.19
CA ASP B 131 1.31 -10.37 8.16
C ASP B 131 1.94 -9.92 9.48
N ARG B 132 3.10 -10.49 9.82
CA ARG B 132 3.88 -10.02 10.97
C ARG B 132 4.27 -8.52 10.93
N ALA B 133 4.79 -8.10 9.80
CA ALA B 133 5.25 -6.74 9.61
C ALA B 133 4.06 -5.75 9.68
N LYS B 134 2.96 -6.09 9.03
CA LYS B 134 1.73 -5.29 9.07
C LYS B 134 1.29 -5.05 10.49
N ARG B 135 1.23 -6.11 11.29
CA ARG B 135 0.85 -5.98 12.67
C ARG B 135 1.79 -5.02 13.40
N ASP B 136 3.10 -5.21 13.22
CA ASP B 136 4.11 -4.33 13.85
C ASP B 136 3.91 -2.87 13.46
N ILE B 137 3.67 -2.59 12.18
CA ILE B 137 3.58 -1.20 11.71
C ILE B 137 2.25 -0.54 12.10
N VAL B 138 1.17 -1.30 12.08
CA VAL B 138 -0.14 -0.80 12.50
C VAL B 138 -0.07 -0.26 13.94
N ARG B 139 0.60 -1.03 14.80
CA ARG B 139 0.90 -0.66 16.17
C ARG B 139 1.83 0.56 16.30
N SER B 140 3.00 0.51 15.65
CA SER B 140 4.02 1.56 15.78
C SER B 140 3.57 2.91 15.21
N ARG B 141 2.83 2.87 14.10
CA ARG B 141 2.33 4.08 13.45
C ARG B 141 0.92 4.45 13.92
N HIS B 142 0.39 3.61 14.81
CA HIS B 142 -0.95 3.74 15.34
C HIS B 142 -1.91 3.99 14.21
N LEU B 143 -1.97 3.07 13.27
CA LEU B 143 -2.87 3.26 12.14
C LEU B 143 -4.33 2.99 12.52
N ASP B 144 -5.19 3.92 12.11
CA ASP B 144 -6.61 3.78 12.30
C ASP B 144 -7.18 2.79 11.30
N SER B 145 -8.49 2.56 11.36
CA SER B 145 -9.13 1.50 10.58
C SER B 145 -9.01 1.75 9.06
N LEU B 146 -9.16 3.00 8.64
CA LEU B 146 -8.97 3.36 7.23
C LEU B 146 -7.53 3.06 6.77
N TYR B 147 -6.54 3.53 7.53
CA TYR B 147 -5.14 3.23 7.18
C TYR B 147 -4.75 1.75 7.25
N GLN B 148 -5.40 0.96 8.12
CA GLN B 148 -5.14 -0.48 8.19
C GLN B 148 -5.65 -1.18 6.93
N ARG B 149 -6.83 -0.79 6.47
CA ARG B 149 -7.39 -1.30 5.22
C ARG B 149 -6.49 -0.89 4.06
N ALA B 150 -6.04 0.35 4.06
CA ALA B 150 -5.18 0.90 2.99
C ALA B 150 -3.83 0.12 2.91
N LEU B 151 -3.24 -0.14 4.05
CA LEU B 151 -2.02 -0.92 4.12
C LEU B 151 -2.18 -2.34 3.63
N THR B 152 -3.28 -2.99 3.98
CA THR B 152 -3.62 -4.27 3.35
C THR B 152 -3.73 -4.23 1.80
N THR B 153 -4.46 -3.25 1.27
CA THR B 153 -4.56 -3.10 -0.17
C THR B 153 -3.17 -2.83 -0.78
N ALA B 154 -2.42 -1.93 -0.19
CA ALA B 154 -1.10 -1.51 -0.71
C ALA B 154 -0.08 -2.68 -0.77
N THR B 155 -0.21 -3.64 0.17
CA THR B 155 0.76 -4.70 0.30
C THR B 155 0.26 -6.05 -0.24
N GLN B 156 -0.87 -6.04 -0.93
CA GLN B 156 -1.54 -7.29 -1.26
C GLN B 156 -0.84 -8.13 -2.37
N SER B 157 0.06 -7.53 -3.15
CA SER B 157 0.74 -8.23 -4.25
C SER B 157 2.21 -8.53 -3.92
N TYR B 158 2.67 -8.22 -2.73
CA TYR B 158 4.06 -8.44 -2.33
C TYR B 158 4.51 -9.88 -2.52
N CYS B 159 3.63 -10.83 -2.16
CA CYS B 159 3.98 -12.24 -2.17
C CYS B 159 3.79 -12.93 -3.51
N GLN B 160 3.52 -12.13 -4.54
CA GLN B 160 3.52 -12.57 -5.91
C GLN B 160 4.91 -12.64 -6.52
N ALA B 161 5.95 -12.20 -5.82
CA ALA B 161 7.29 -12.19 -6.37
C ALA B 161 7.71 -13.65 -6.70
N LEU B 162 8.48 -13.84 -7.78
CA LEU B 162 8.92 -15.15 -8.22
C LEU B 162 10.42 -15.19 -8.16
N PRO B 163 10.98 -16.36 -7.77
CA PRO B 163 12.44 -16.45 -7.72
C PRO B 163 13.02 -16.37 -9.13
N PRO B 164 14.18 -15.72 -9.29
CA PRO B 164 14.78 -15.68 -10.62
C PRO B 164 15.32 -17.05 -11.05
N ALA B 165 15.19 -17.34 -12.34
CA ALA B 165 15.88 -18.50 -12.96
C ALA B 165 17.38 -18.29 -12.86
N GLY C 1 -46.48 10.29 16.58
CA GLY C 1 -46.76 11.68 16.13
C GLY C 1 -45.87 12.12 14.97
N THR C 2 -46.15 11.54 13.80
CA THR C 2 -45.31 11.71 12.62
C THR C 2 -45.22 13.19 12.17
N SER C 3 -44.00 13.61 11.89
CA SER C 3 -43.72 14.98 11.52
C SER C 3 -44.44 15.37 10.23
N GLN C 4 -44.84 16.62 10.16
CA GLN C 4 -45.31 17.21 8.93
C GLN C 4 -44.22 17.17 7.84
N LEU C 5 -42.95 17.05 8.25
CA LEU C 5 -41.82 17.03 7.34
C LEU C 5 -41.31 15.63 6.99
N ALA C 6 -42.00 14.58 7.42
CA ALA C 6 -41.51 13.22 7.28
C ALA C 6 -41.50 12.74 5.82
N GLU C 7 -42.49 13.18 5.04
CA GLU C 7 -42.60 12.84 3.62
C GLU C 7 -41.48 13.52 2.79
N LEU C 8 -41.18 14.79 3.09
CA LEU C 8 -40.10 15.51 2.43
C LEU C 8 -38.75 14.85 2.71
N VAL C 9 -38.47 14.63 3.98
CA VAL C 9 -37.25 13.99 4.41
C VAL C 9 -37.20 12.57 3.85
N ASP C 10 -38.31 11.87 3.81
CA ASP C 10 -38.30 10.51 3.23
C ASP C 10 -37.88 10.52 1.76
N ALA C 11 -38.37 11.48 0.99
CA ALA C 11 -37.98 11.61 -0.43
C ALA C 11 -36.50 11.98 -0.55
N ALA C 12 -36.03 12.88 0.30
CA ALA C 12 -34.63 13.27 0.28
C ALA C 12 -33.71 12.04 0.58
N ALA C 13 -34.12 11.22 1.54
CA ALA C 13 -33.34 10.04 1.94
C ALA C 13 -33.36 9.02 0.83
N GLU C 14 -34.53 8.78 0.24
CA GLU C 14 -34.65 7.92 -0.93
C GLU C 14 -33.76 8.41 -2.10
N ARG C 15 -33.67 9.71 -2.27
CA ARG C 15 -32.87 10.28 -3.34
C ARG C 15 -31.37 10.14 -3.06
N LEU C 16 -30.98 10.23 -1.80
CA LEU C 16 -29.61 9.96 -1.41
C LEU C 16 -29.19 8.55 -1.80
N GLU C 17 -30.11 7.60 -1.66
CA GLU C 17 -29.81 6.19 -1.98
C GLU C 17 -29.55 5.96 -3.46
N VAL C 18 -29.93 6.92 -4.31
CA VAL C 18 -29.54 6.86 -5.71
C VAL C 18 -28.01 6.99 -5.88
N ALA C 19 -27.30 7.49 -4.86
CA ALA C 19 -25.84 7.58 -4.89
C ALA C 19 -25.17 6.18 -5.15
N ASP C 20 -25.80 5.12 -4.68
CA ASP C 20 -25.24 3.78 -4.78
C ASP C 20 -25.17 3.30 -6.22
N PRO C 21 -26.32 3.27 -6.93
CA PRO C 21 -26.25 2.96 -8.35
C PRO C 21 -25.50 3.97 -9.20
N VAL C 22 -25.52 5.24 -8.85
CA VAL C 22 -24.79 6.22 -9.64
C VAL C 22 -23.30 5.99 -9.43
N ALA C 23 -22.88 5.85 -8.19
CA ALA C 23 -21.48 5.47 -7.89
C ALA C 23 -21.07 4.19 -8.62
N ALA C 24 -21.93 3.17 -8.63
CA ALA C 24 -21.55 1.89 -9.20
C ALA C 24 -21.29 2.02 -10.71
N PHE C 25 -22.11 2.82 -11.38
CA PHE C 25 -21.94 3.07 -12.82
C PHE C 25 -20.69 3.89 -13.12
N LYS C 26 -20.42 4.91 -12.31
CA LYS C 26 -19.25 5.72 -12.49
C LYS C 26 -17.98 4.92 -12.24
N TRP C 27 -18.04 4.01 -11.27
CA TRP C 27 -16.95 3.07 -11.05
C TRP C 27 -16.68 2.19 -12.28
N ARG C 28 -17.72 1.55 -12.78
CA ARG C 28 -17.61 0.69 -13.95
C ARG C 28 -17.19 1.45 -15.21
N ALA C 29 -17.70 2.66 -15.33
CA ALA C 29 -17.42 3.51 -16.48
C ALA C 29 -16.13 4.31 -16.30
N GLN C 30 -15.55 4.24 -15.10
CA GLN C 30 -14.33 4.96 -14.71
C GLN C 30 -14.50 6.47 -14.91
N LEU C 31 -15.67 6.94 -14.50
CA LEU C 31 -16.03 8.32 -14.54
C LEU C 31 -15.72 9.02 -13.21
N PRO C 32 -15.43 10.32 -13.28
CA PRO C 32 -15.27 11.16 -12.08
C PRO C 32 -16.59 11.31 -11.32
N ILE C 33 -16.49 11.49 -10.02
CA ILE C 33 -17.66 11.73 -9.20
C ILE C 33 -18.25 13.11 -9.42
N GLU C 34 -17.44 14.16 -9.48
CA GLU C 34 -17.99 15.52 -9.68
C GLU C 34 -17.89 16.03 -11.09
N ASP C 35 -18.94 16.69 -11.55
CA ASP C 35 -18.95 17.43 -12.80
C ASP C 35 -19.67 18.71 -12.45
N SER C 36 -18.94 19.80 -12.25
CA SER C 36 -19.56 21.01 -11.72
C SER C 36 -20.51 21.63 -12.77
N GLY C 37 -20.18 21.44 -14.05
CA GLY C 37 -21.04 21.88 -15.15
C GLY C 37 -22.39 21.17 -15.07
N ARG C 38 -22.35 19.85 -14.92
CA ARG C 38 -23.56 19.05 -14.79
C ARG C 38 -24.36 19.50 -13.57
N VAL C 39 -23.69 19.72 -12.45
CA VAL C 39 -24.35 20.12 -11.21
C VAL C 39 -25.05 21.51 -11.41
N GLU C 40 -24.36 22.46 -12.04
CA GLU C 40 -24.99 23.77 -12.35
C GLU C 40 -26.19 23.69 -13.27
N GLN C 41 -26.08 22.88 -14.31
CA GLN C 41 -27.18 22.64 -15.26
C GLN C 41 -28.36 22.06 -14.52
N GLN C 42 -28.07 21.08 -13.67
CA GLN C 42 -29.06 20.46 -12.83
C GLN C 42 -29.75 21.41 -11.87
N LEU C 43 -28.98 22.28 -11.22
CA LEU C 43 -29.57 23.25 -10.31
C LEU C 43 -30.32 24.32 -11.04
N ALA C 44 -29.76 24.81 -12.14
CA ALA C 44 -30.45 25.75 -13.01
C ALA C 44 -31.86 25.28 -13.43
N LYS C 45 -31.97 24.00 -13.75
CA LYS C 45 -33.26 23.33 -14.07
C LYS C 45 -34.18 23.30 -12.86
N LEU C 46 -33.65 22.90 -11.70
CA LEU C 46 -34.49 22.87 -10.51
C LEU C 46 -35.00 24.28 -10.15
N GLY C 47 -34.18 25.31 -10.33
CA GLY C 47 -34.59 26.70 -10.24
C GLY C 47 -35.77 27.03 -11.13
N GLU C 48 -35.72 26.59 -12.37
CA GLU C 48 -36.80 26.85 -13.33
C GLU C 48 -38.08 26.07 -12.98
N ASP C 49 -37.93 24.81 -12.58
CA ASP C 49 -39.04 24.01 -12.04
C ASP C 49 -39.70 24.67 -10.85
N ALA C 50 -38.90 25.12 -9.89
CA ALA C 50 -39.39 25.84 -8.72
C ALA C 50 -40.22 27.03 -9.18
N ARG C 51 -39.68 27.80 -10.12
CA ARG C 51 -40.34 29.00 -10.61
C ARG C 51 -41.68 28.67 -11.26
N SER C 52 -41.76 27.59 -12.04
CA SER C 52 -43.03 27.18 -12.68
C SER C 52 -44.03 26.58 -11.68
N GLN C 53 -43.52 25.98 -10.61
CA GLN C 53 -44.34 25.55 -9.45
C GLN C 53 -44.46 26.57 -8.29
N HIS C 54 -44.13 27.83 -8.56
CA HIS C 54 -44.29 28.94 -7.61
C HIS C 54 -43.68 28.66 -6.28
N ILE C 55 -42.46 28.11 -6.33
CA ILE C 55 -41.62 27.91 -5.15
C ILE C 55 -40.40 28.83 -5.33
N ASP C 56 -39.99 29.47 -4.24
CA ASP C 56 -38.78 30.30 -4.22
C ASP C 56 -37.56 29.57 -4.83
N PRO C 57 -37.12 30.04 -6.01
CA PRO C 57 -36.09 29.29 -6.73
C PRO C 57 -34.73 29.28 -6.07
N ASP C 58 -34.38 30.36 -5.37
CA ASP C 58 -33.11 30.42 -4.65
C ASP C 58 -33.06 29.47 -3.46
N TYR C 59 -34.16 29.33 -2.73
CA TYR C 59 -34.26 28.34 -1.67
C TYR C 59 -33.99 26.95 -2.25
N VAL C 60 -34.67 26.67 -3.35
CA VAL C 60 -34.58 25.35 -4.00
C VAL C 60 -33.17 25.05 -4.45
N THR C 61 -32.55 26.02 -5.09
CA THR C 61 -31.17 25.91 -5.55
C THR C 61 -30.25 25.54 -4.42
N ARG C 62 -30.30 26.31 -3.35
CA ARG C 62 -29.47 26.01 -2.16
C ARG C 62 -29.74 24.67 -1.52
N VAL C 63 -31.00 24.31 -1.37
CA VAL C 63 -31.38 23.07 -0.72
C VAL C 63 -30.97 21.88 -1.58
N PHE C 64 -31.18 21.98 -2.89
CA PHE C 64 -30.74 20.93 -3.78
C PHE C 64 -29.20 20.85 -3.91
N ASP C 65 -28.51 21.98 -3.81
CA ASP C 65 -27.07 21.95 -3.77
C ASP C 65 -26.57 21.13 -2.56
N ASP C 66 -27.21 21.31 -1.40
CA ASP C 66 -26.89 20.51 -0.19
C ASP C 66 -27.12 19.02 -0.44
N GLN C 67 -28.24 18.72 -1.09
CA GLN C 67 -28.62 17.34 -1.46
C GLN C 67 -27.56 16.67 -2.31
N ILE C 68 -27.16 17.37 -3.35
CA ILE C 68 -26.16 16.93 -4.26
C ILE C 68 -24.80 16.75 -3.59
N ARG C 69 -24.37 17.71 -2.79
CA ARG C 69 -23.14 17.57 -2.02
C ARG C 69 -23.14 16.27 -1.14
N ALA C 70 -24.27 15.96 -0.52
CA ALA C 70 -24.41 14.78 0.35
C ALA C 70 -24.35 13.49 -0.46
N THR C 71 -24.95 13.55 -1.63
CA THR C 71 -24.94 12.49 -2.59
C THR C 71 -23.50 12.21 -3.05
N GLU C 72 -22.76 13.24 -3.48
CA GLU C 72 -21.37 13.09 -3.81
C GLU C 72 -20.55 12.48 -2.65
N ALA C 73 -20.83 12.91 -1.42
CA ALA C 73 -20.15 12.34 -0.27
C ALA C 73 -20.33 10.85 -0.15
N ILE C 74 -21.52 10.35 -0.45
CA ILE C 74 -21.74 8.91 -0.44
C ILE C 74 -21.00 8.25 -1.58
N GLU C 75 -21.06 8.85 -2.76
CA GLU C 75 -20.29 8.33 -3.89
C GLU C 75 -18.80 8.21 -3.58
N TYR C 76 -18.25 9.26 -2.99
CA TYR C 76 -16.85 9.25 -2.55
C TYR C 76 -16.54 8.14 -1.57
N SER C 77 -17.43 7.89 -0.61
CA SER C 77 -17.20 6.83 0.38
C SER C 77 -17.16 5.43 -0.28
N ARG C 78 -18.10 5.19 -1.19
CA ARG C 78 -18.12 4.01 -2.08
C ARG C 78 -16.84 3.80 -2.88
N PHE C 79 -16.39 4.84 -3.59
CA PHE C 79 -15.13 4.79 -4.28
C PHE C 79 -13.96 4.44 -3.36
N SER C 80 -13.89 5.04 -2.17
CA SER C 80 -12.94 4.64 -1.22
C SER C 80 -13.02 3.12 -0.93
N ASP C 81 -14.20 2.62 -0.55
CA ASP C 81 -14.39 1.22 -0.23
C ASP C 81 -13.91 0.35 -1.39
N TRP C 82 -14.31 0.75 -2.60
CA TRP C 82 -14.04 -0.07 -3.78
C TRP C 82 -12.59 0.05 -4.25
N LYS C 83 -11.94 1.17 -4.00
CA LYS C 83 -10.52 1.26 -4.23
C LYS C 83 -9.77 0.29 -3.27
N LEU C 84 -10.32 0.09 -2.06
CA LEU C 84 -9.70 -0.81 -1.11
C LEU C 84 -10.04 -2.23 -1.42
N ASN C 85 -11.28 -2.50 -1.81
CA ASN C 85 -11.67 -3.85 -2.26
C ASN C 85 -12.63 -3.84 -3.49
N PRO C 86 -12.08 -3.93 -4.70
CA PRO C 86 -12.90 -3.73 -5.87
C PRO C 86 -13.80 -4.92 -6.16
N ALA C 87 -13.46 -6.09 -5.62
CA ALA C 87 -14.27 -7.30 -5.75
C ALA C 87 -15.63 -7.06 -5.18
N SER C 88 -15.72 -6.11 -4.26
CA SER C 88 -16.99 -5.77 -3.64
C SER C 88 -17.90 -4.83 -4.47
N ALA C 89 -17.40 -4.22 -5.54
CA ALA C 89 -18.24 -3.25 -6.26
C ALA C 89 -19.26 -4.02 -7.09
N PRO C 90 -20.52 -3.55 -7.13
CA PRO C 90 -21.60 -4.25 -7.80
C PRO C 90 -21.36 -4.44 -9.29
N PRO C 91 -21.73 -5.61 -9.83
CA PRO C 91 -21.35 -5.99 -11.19
C PRO C 91 -22.11 -5.22 -12.30
N GLU C 92 -23.41 -4.98 -12.13
CA GLU C 92 -24.15 -4.28 -13.17
C GLU C 92 -25.22 -3.40 -12.60
N PRO C 93 -24.82 -2.20 -12.18
CA PRO C 93 -25.82 -1.22 -11.82
C PRO C 93 -26.65 -0.80 -13.04
N PRO C 94 -27.70 -0.02 -12.79
CA PRO C 94 -28.46 0.51 -13.94
C PRO C 94 -27.71 1.69 -14.58
N ASP C 95 -27.84 1.81 -15.91
CA ASP C 95 -27.32 2.97 -16.61
C ASP C 95 -28.09 4.19 -16.14
N LEU C 96 -27.36 5.25 -15.86
CA LEU C 96 -27.94 6.54 -15.49
C LEU C 96 -29.43 6.71 -15.88
N SER C 97 -29.83 6.35 -17.09
CA SER C 97 -31.26 6.24 -17.47
C SER C 97 -32.23 6.00 -16.28
N ALA C 98 -32.20 4.80 -15.68
CA ALA C 98 -33.05 4.47 -14.52
C ALA C 98 -32.87 5.40 -13.34
N SER C 99 -31.62 5.51 -12.87
CA SER C 99 -31.23 6.43 -11.82
C SER C 99 -31.71 7.83 -12.12
N ARG C 100 -31.49 8.26 -13.36
CA ARG C 100 -31.90 9.58 -13.87
C ARG C 100 -33.41 9.89 -13.78
N SER C 101 -34.24 8.87 -13.98
CA SER C 101 -35.69 9.04 -13.91
C SER C 101 -36.21 8.94 -12.47
N ALA C 102 -35.53 8.14 -11.64
CA ALA C 102 -35.82 8.10 -10.20
C ALA C 102 -35.53 9.46 -9.56
N ILE C 103 -34.44 10.10 -9.98
CA ILE C 103 -34.14 11.46 -9.55
C ILE C 103 -35.20 12.46 -10.03
N ASP C 104 -35.58 12.46 -11.30
CA ASP C 104 -36.67 13.33 -11.77
C ASP C 104 -37.89 13.22 -10.85
N SER C 105 -38.35 11.99 -10.60
CA SER C 105 -39.56 11.75 -9.76
C SER C 105 -39.39 12.30 -8.35
N LEU C 106 -38.27 11.96 -7.72
CA LEU C 106 -37.96 12.37 -6.35
C LEU C 106 -37.77 13.87 -6.20
N ASN C 107 -37.17 14.50 -7.21
CA ASN C 107 -37.15 15.96 -7.30
C ASN C 107 -38.54 16.57 -7.24
N ASN C 108 -39.49 15.99 -7.97
CA ASN C 108 -40.83 16.57 -8.03
C ASN C 108 -41.56 16.34 -6.72
N ARG C 109 -41.32 15.20 -6.09
CA ARG C 109 -41.91 14.91 -4.79
C ARG C 109 -41.43 15.89 -3.75
N MET C 110 -40.11 16.12 -3.71
CA MET C 110 -39.53 17.07 -2.80
C MET C 110 -40.11 18.48 -3.04
N LEU C 111 -40.15 18.91 -4.30
CA LEU C 111 -40.67 20.23 -4.61
C LEU C 111 -42.11 20.33 -4.15
N SER C 112 -42.88 19.28 -4.38
CA SER C 112 -44.30 19.28 -3.98
C SER C 112 -44.44 19.39 -2.46
N GLN C 113 -43.59 18.69 -1.72
CA GLN C 113 -43.60 18.77 -0.26
C GLN C 113 -43.14 20.12 0.25
N ILE C 114 -42.20 20.73 -0.45
CA ILE C 114 -41.71 22.06 -0.07
C ILE C 114 -42.79 23.13 -0.26
N TRP C 115 -43.53 23.10 -1.36
CA TRP C 115 -44.63 24.03 -1.52
C TRP C 115 -45.75 23.80 -0.49
N SER C 116 -46.11 22.54 -0.27
CA SER C 116 -47.15 22.19 0.71
C SER C 116 -46.81 22.61 2.13
N HIS C 117 -45.54 22.46 2.52
CA HIS C 117 -45.16 22.74 3.90
C HIS C 117 -44.35 24.01 4.10
N TRP C 118 -44.43 24.96 3.16
CA TRP C 118 -43.71 26.25 3.23
C TRP C 118 -43.87 27.00 4.55
N SER C 119 -45.13 27.04 4.97
CA SER C 119 -45.58 27.59 6.25
C SER C 119 -44.73 27.08 7.44
N LEU C 120 -44.55 25.77 7.52
CA LEU C 120 -43.74 25.18 8.56
C LEU C 120 -42.23 25.40 8.31
N LEU C 121 -41.76 25.20 7.08
CA LEU C 121 -40.33 25.39 6.76
C LEU C 121 -39.81 26.79 7.07
N SER C 122 -40.68 27.80 6.92
CA SER C 122 -40.30 29.19 7.22
C SER C 122 -40.62 29.69 8.64
N ALA C 123 -41.05 28.78 9.52
CA ALA C 123 -41.46 29.09 10.90
C ALA C 123 -40.47 28.57 11.95
N PRO C 124 -40.48 29.16 13.16
CA PRO C 124 -39.50 28.71 14.17
C PRO C 124 -39.57 27.24 14.61
N SER C 125 -40.72 26.58 14.45
CA SER C 125 -40.86 25.19 14.91
C SER C 125 -40.23 24.21 13.92
N CYS C 126 -39.76 24.72 12.77
CA CYS C 126 -39.24 23.88 11.71
C CYS C 126 -38.12 22.98 12.21
N ALA C 127 -37.13 23.59 12.88
CA ALA C 127 -35.98 22.88 13.44
C ALA C 127 -36.36 21.60 14.18
N ALA C 128 -37.33 21.71 15.09
CA ALA C 128 -37.75 20.56 15.89
C ALA C 128 -38.56 19.56 15.06
N GLN C 129 -39.41 20.06 14.18
CA GLN C 129 -40.14 19.19 13.26
C GLN C 129 -39.20 18.45 12.32
N LEU C 130 -38.14 19.12 11.90
CA LEU C 130 -37.11 18.49 11.09
C LEU C 130 -36.37 17.36 11.81
N ASP C 131 -35.87 17.63 13.02
CA ASP C 131 -35.16 16.62 13.80
C ASP C 131 -36.02 15.38 14.07
N ARG C 132 -37.33 15.56 14.33
CA ARG C 132 -38.21 14.40 14.53
C ARG C 132 -38.46 13.60 13.24
N ALA C 133 -38.70 14.32 12.13
CA ALA C 133 -38.68 13.72 10.79
C ALA C 133 -37.44 12.85 10.60
N LYS C 134 -36.26 13.47 10.76
CA LYS C 134 -34.99 12.78 10.54
C LYS C 134 -34.87 11.50 11.33
N ARG C 135 -35.23 11.56 12.60
CA ARG C 135 -35.18 10.40 13.47
C ARG C 135 -36.11 9.30 13.02
N ASP C 136 -37.28 9.70 12.51
CA ASP C 136 -38.27 8.73 12.07
C ASP C 136 -37.85 8.09 10.74
N ILE C 137 -37.27 8.88 9.85
CA ILE C 137 -36.88 8.35 8.56
C ILE C 137 -35.61 7.49 8.73
N VAL C 138 -34.68 7.96 9.55
CA VAL C 138 -33.51 7.16 9.87
C VAL C 138 -33.97 5.80 10.42
N ARG C 139 -35.07 5.78 11.17
CA ARG C 139 -35.61 4.54 11.74
C ARG C 139 -36.26 3.65 10.66
N SER C 140 -37.22 4.21 9.93
CA SER C 140 -38.03 3.46 8.95
C SER C 140 -37.21 2.98 7.75
N ARG C 141 -36.17 3.74 7.38
CA ARG C 141 -35.29 3.37 6.26
C ARG C 141 -33.99 2.65 6.68
N HIS C 142 -33.84 2.41 7.98
CA HIS C 142 -32.66 1.73 8.52
C HIS C 142 -31.39 2.34 7.93
N LEU C 143 -31.30 3.66 8.04
CA LEU C 143 -30.16 4.41 7.53
C LEU C 143 -28.97 4.16 8.40
N ASP C 144 -27.85 3.95 7.76
CA ASP C 144 -26.67 3.62 8.49
C ASP C 144 -25.92 4.92 8.74
N SER C 145 -24.77 4.78 9.38
CA SER C 145 -23.98 5.93 9.81
C SER C 145 -23.71 6.98 8.71
N LEU C 146 -23.34 6.49 7.54
CA LEU C 146 -23.00 7.34 6.43
C LEU C 146 -24.20 8.10 5.95
N TYR C 147 -25.31 7.37 5.84
CA TYR C 147 -26.54 7.95 5.39
C TYR C 147 -27.19 8.93 6.41
N GLN C 148 -27.00 8.68 7.70
CA GLN C 148 -27.40 9.63 8.73
C GLN C 148 -26.66 10.95 8.59
N ARG C 149 -25.35 10.89 8.41
CA ARG C 149 -24.55 12.09 8.19
C ARG C 149 -24.96 12.81 6.91
N ALA C 150 -25.17 12.02 5.86
CA ALA C 150 -25.58 12.59 4.58
C ALA C 150 -26.97 13.28 4.65
N LEU C 151 -27.90 12.66 5.38
CA LEU C 151 -29.24 13.25 5.61
C LEU C 151 -29.17 14.58 6.34
N THR C 152 -28.24 14.66 7.30
CA THR C 152 -27.96 15.91 7.99
C THR C 152 -27.49 17.00 7.04
N THR C 153 -26.53 16.66 6.20
CA THR C 153 -26.02 17.59 5.22
C THR C 153 -27.13 18.03 4.25
N ALA C 154 -27.92 17.08 3.80
CA ALA C 154 -28.93 17.30 2.78
C ALA C 154 -30.02 18.23 3.21
N THR C 155 -30.33 18.16 4.51
CA THR C 155 -31.47 18.86 5.11
C THR C 155 -31.12 20.17 5.90
N GLN C 156 -29.86 20.57 5.85
CA GLN C 156 -29.35 21.60 6.74
C GLN C 156 -29.88 23.01 6.45
N SER C 157 -30.47 23.21 5.28
CA SER C 157 -31.00 24.56 4.92
C SER C 157 -32.49 24.59 4.88
N TYR C 158 -33.16 23.49 5.27
CA TYR C 158 -34.60 23.35 5.11
C TYR C 158 -35.36 24.46 5.85
N CYS C 159 -34.91 24.73 7.06
CA CYS C 159 -35.55 25.68 7.97
C CYS C 159 -35.13 27.13 7.77
N GLN C 160 -34.51 27.43 6.65
CA GLN C 160 -34.10 28.78 6.27
C GLN C 160 -34.98 29.36 5.17
N ALA C 161 -36.15 28.75 5.00
CA ALA C 161 -37.20 29.27 4.13
C ALA C 161 -37.75 30.61 4.64
N LEU C 162 -37.96 31.55 3.74
CA LEU C 162 -38.47 32.88 4.12
C LEU C 162 -40.00 32.85 4.20
N PRO C 163 -40.57 33.48 5.24
CA PRO C 163 -42.01 33.53 5.27
C PRO C 163 -42.52 34.44 4.16
N PRO C 164 -43.78 34.26 3.72
CA PRO C 164 -44.42 35.22 2.82
C PRO C 164 -44.36 36.65 3.35
N ALA C 165 -43.23 37.31 3.13
CA ALA C 165 -43.02 38.72 3.50
C ALA C 165 -41.53 39.04 3.35
#